data_2HIS
#
_entry.id   2HIS
#
_cell.length_a   88.411
_cell.length_b   88.411
_cell.length_c   80.675
_cell.angle_alpha   90.00
_cell.angle_beta   90.00
_cell.angle_gamma   90.00
#
_symmetry.space_group_name_H-M   'P 41 21 2'
#
loop_
_entity.id
_entity.type
_entity.pdbx_description
1 polymer 'CELLULOMONAS FIMI FAMILY 10 BETA-1,4-GLYCANASE'
2 branched beta-D-glucopyranose-(1-4)-alpha-D-glucopyranose
3 water water
#
_entity_poly.entity_id   1
_entity_poly.type   'polypeptide(L)'
_entity_poly.pdbx_seq_one_letter_code
;ATTLKEAADGAGRDFGFALDPNRLSEAQYKAIADSEFNLVVAENAMKWDATEPSQNSFSFGAGDRVASYAADTGKELYGH
TLVWHSQLPDWAKNLNGSAFESAMVNHVTKVADHFEGKVASWDVVNAAFADGGGRRQDSAFQQKLGNGYIETAFRAARAA
DPTAKLCINDYNVEGINAKSNSLYDLVKDFKARGVPLDCVGFQSNLIVGQVPGDFRQNLQRFADLGVDVRITELDIRMRT
PSDATKLATQAADYKKVVQACMQVTRCQGVTVWGITDKYSWVPDVFPGEGAALVWDASYAKKPAYAAVMEAF
;
_entity_poly.pdbx_strand_id   A
#
loop_
_chem_comp.id
_chem_comp.type
_chem_comp.name
_chem_comp.formula
BGC D-saccharide, beta linking beta-D-glucopyranose 'C6 H12 O6'
GLC D-saccharide, alpha linking alpha-D-glucopyranose 'C6 H12 O6'
#
# COMPACT_ATOMS: atom_id res chain seq x y z
N ALA A 1 -9.86 -11.11 21.47
CA ALA A 1 -11.03 -11.29 20.55
C ALA A 1 -11.00 -12.66 19.89
N THR A 2 -11.73 -12.83 18.79
CA THR A 2 -11.77 -14.12 18.09
C THR A 2 -11.06 -14.05 16.74
N THR A 3 -10.99 -12.85 16.17
CA THR A 3 -10.37 -12.63 14.88
C THR A 3 -9.50 -11.38 14.92
N LEU A 4 -8.68 -11.18 13.87
CA LEU A 4 -7.82 -10.04 13.80
C LEU A 4 -8.76 -8.86 13.44
N LYS A 5 -9.89 -9.14 12.81
CA LYS A 5 -10.81 -8.08 12.49
C LYS A 5 -11.29 -7.39 13.77
N GLU A 6 -11.67 -8.19 14.78
CA GLU A 6 -12.17 -7.67 16.04
C GLU A 6 -11.07 -7.01 16.86
N ALA A 7 -9.86 -7.55 16.78
CA ALA A 7 -8.71 -7.01 17.51
C ALA A 7 -8.47 -5.60 16.98
N ALA A 8 -8.37 -5.47 15.66
CA ALA A 8 -8.18 -4.19 15.00
C ALA A 8 -9.38 -3.29 15.23
N ASP A 9 -10.58 -3.85 15.08
CA ASP A 9 -11.81 -3.10 15.30
C ASP A 9 -11.81 -2.45 16.68
N GLY A 10 -11.52 -3.24 17.71
CA GLY A 10 -11.48 -2.73 19.07
C GLY A 10 -10.44 -1.64 19.32
N ALA A 11 -9.36 -1.67 18.55
CA ALA A 11 -8.29 -0.69 18.66
C ALA A 11 -8.56 0.55 17.84
N GLY A 12 -9.64 0.52 17.05
CA GLY A 12 -9.99 1.65 16.21
C GLY A 12 -9.01 1.79 15.07
N ARG A 13 -8.45 0.66 14.63
CA ARG A 13 -7.48 0.69 13.54
C ARG A 13 -7.96 -0.18 12.38
N ASP A 14 -7.26 -0.07 11.25
CA ASP A 14 -7.57 -0.88 10.09
C ASP A 14 -6.56 -1.99 10.02
N PHE A 15 -7.00 -3.12 9.52
CA PHE A 15 -6.12 -4.25 9.31
C PHE A 15 -6.61 -4.78 7.99
N GLY A 16 -5.88 -4.50 6.92
CA GLY A 16 -6.27 -4.93 5.60
C GLY A 16 -5.46 -6.00 4.91
N PHE A 17 -5.87 -6.33 3.69
CA PHE A 17 -5.19 -7.33 2.89
C PHE A 17 -5.34 -6.99 1.41
N ALA A 18 -4.40 -7.50 0.63
CA ALA A 18 -4.38 -7.31 -0.81
C ALA A 18 -5.22 -8.39 -1.45
N LEU A 19 -6.32 -7.98 -2.05
CA LEU A 19 -7.24 -8.89 -2.69
C LEU A 19 -6.97 -9.20 -4.13
N ASP A 20 -7.09 -10.48 -4.47
CA ASP A 20 -6.99 -10.93 -5.84
C ASP A 20 -8.39 -11.50 -5.96
N PRO A 21 -9.28 -10.83 -6.71
CA PRO A 21 -10.67 -11.19 -6.95
C PRO A 21 -10.89 -12.60 -7.46
N ASN A 22 -9.95 -13.11 -8.25
CA ASN A 22 -10.07 -14.46 -8.80
C ASN A 22 -10.01 -15.52 -7.71
N ARG A 23 -9.51 -15.16 -6.53
CA ARG A 23 -9.38 -16.12 -5.43
C ARG A 23 -10.61 -16.26 -4.54
N LEU A 24 -11.59 -15.39 -4.72
CA LEU A 24 -12.79 -15.43 -3.89
C LEU A 24 -13.60 -16.69 -4.17
N SER A 25 -13.19 -17.44 -5.19
CA SER A 25 -13.89 -18.68 -5.52
C SER A 25 -13.27 -19.88 -4.83
N GLU A 26 -12.18 -19.67 -4.11
CA GLU A 26 -11.55 -20.72 -3.34
C GLU A 26 -12.15 -20.47 -1.98
N ALA A 27 -12.98 -21.40 -1.53
CA ALA A 27 -13.69 -21.26 -0.27
C ALA A 27 -12.87 -20.87 0.95
N GLN A 28 -11.74 -21.53 1.15
CA GLN A 28 -10.91 -21.23 2.30
C GLN A 28 -10.40 -19.80 2.31
N TYR A 29 -10.04 -19.29 1.15
CA TYR A 29 -9.53 -17.92 1.00
C TYR A 29 -10.61 -16.90 1.34
N LYS A 30 -11.82 -17.13 0.84
CA LYS A 30 -12.92 -16.21 1.10
C LYS A 30 -13.31 -16.21 2.56
N ALA A 31 -13.33 -17.40 3.16
CA ALA A 31 -13.67 -17.53 4.57
C ALA A 31 -12.77 -16.65 5.43
N ILE A 32 -11.46 -16.72 5.16
CA ILE A 32 -10.50 -15.90 5.89
C ILE A 32 -10.67 -14.44 5.50
N ALA A 33 -10.72 -14.17 4.20
CA ALA A 33 -10.89 -12.80 3.74
C ALA A 33 -12.11 -12.14 4.38
N ASP A 34 -13.21 -12.89 4.50
CA ASP A 34 -14.43 -12.39 5.10
C ASP A 34 -14.32 -12.07 6.59
N SER A 35 -13.76 -12.98 7.37
CA SER A 35 -13.68 -12.83 8.82
C SER A 35 -12.52 -12.16 9.54
N GLU A 36 -11.33 -12.15 8.94
CA GLU A 36 -10.13 -11.61 9.60
C GLU A 36 -9.68 -10.20 9.28
N PHE A 37 -10.38 -9.52 8.37
CA PHE A 37 -10.00 -8.17 7.98
C PHE A 37 -11.14 -7.15 7.99
N ASN A 38 -10.78 -5.88 8.02
CA ASN A 38 -11.77 -4.80 7.98
C ASN A 38 -11.49 -3.80 6.87
N LEU A 39 -10.45 -4.06 6.09
CA LEU A 39 -10.09 -3.20 4.98
C LEU A 39 -9.56 -4.07 3.86
N VAL A 40 -9.66 -3.59 2.63
CA VAL A 40 -9.19 -4.31 1.47
C VAL A 40 -8.65 -3.37 0.41
N VAL A 41 -7.62 -3.82 -0.29
CA VAL A 41 -7.02 -3.05 -1.35
C VAL A 41 -6.87 -4.04 -2.48
N ALA A 42 -6.92 -3.55 -3.71
CA ALA A 42 -6.75 -4.41 -4.86
C ALA A 42 -5.25 -4.67 -5.03
N GLU A 43 -4.86 -5.94 -5.08
CA GLU A 43 -3.45 -6.28 -5.27
C GLU A 43 -2.93 -5.75 -6.61
N ASN A 44 -3.67 -5.99 -7.68
CA ASN A 44 -3.29 -5.57 -9.04
C ASN A 44 -4.37 -4.88 -9.86
N ALA A 45 -5.63 -5.08 -9.49
CA ALA A 45 -6.79 -4.55 -10.21
C ALA A 45 -6.93 -3.06 -10.46
N MET A 46 -6.33 -2.21 -9.63
CA MET A 46 -6.49 -0.78 -9.85
C MET A 46 -5.26 -0.03 -10.34
N LYS A 47 -4.23 -0.76 -10.77
CA LYS A 47 -3.00 -0.14 -11.27
C LYS A 47 -3.26 0.38 -12.68
N TRP A 48 -2.35 1.21 -13.18
CA TRP A 48 -2.49 1.81 -14.52
C TRP A 48 -2.65 0.79 -15.65
N ASP A 49 -1.78 -0.21 -15.70
CA ASP A 49 -1.84 -1.23 -16.75
C ASP A 49 -3.11 -2.08 -16.74
N ALA A 50 -3.71 -2.25 -15.56
CA ALA A 50 -4.92 -3.02 -15.42
C ALA A 50 -6.12 -2.16 -15.77
N THR A 51 -6.03 -0.86 -15.45
CA THR A 51 -7.12 0.08 -15.71
C THR A 51 -7.10 0.80 -17.06
N GLU A 52 -5.93 1.07 -17.64
CA GLU A 52 -5.92 1.75 -18.94
C GLU A 52 -4.88 1.11 -19.86
N PRO A 53 -5.23 -0.05 -20.43
CA PRO A 53 -4.42 -0.87 -21.34
C PRO A 53 -4.05 -0.22 -22.67
N SER A 54 -4.95 0.60 -23.18
CA SER A 54 -4.76 1.37 -24.42
C SER A 54 -5.09 2.76 -23.94
N GLN A 55 -4.68 3.79 -24.67
CA GLN A 55 -4.98 5.15 -24.22
C GLN A 55 -6.47 5.49 -24.29
N ASN A 56 -7.02 5.97 -23.18
CA ASN A 56 -8.43 6.34 -23.09
C ASN A 56 -9.43 5.19 -23.18
N SER A 57 -8.92 3.97 -23.18
CA SER A 57 -9.78 2.80 -23.20
C SER A 57 -9.63 2.20 -21.81
N PHE A 58 -10.55 2.55 -20.92
CA PHE A 58 -10.52 2.08 -19.55
C PHE A 58 -11.20 0.73 -19.32
N SER A 59 -10.69 -0.02 -18.35
CA SER A 59 -11.21 -1.34 -18.04
C SER A 59 -11.35 -1.47 -16.53
N PHE A 60 -12.53 -1.16 -16.03
CA PHE A 60 -12.78 -1.22 -14.60
C PHE A 60 -13.35 -2.54 -14.09
N GLY A 61 -13.36 -3.58 -14.92
CA GLY A 61 -13.89 -4.87 -14.53
C GLY A 61 -13.37 -5.44 -13.21
N ALA A 62 -12.07 -5.68 -13.13
CA ALA A 62 -11.47 -6.22 -11.92
C ALA A 62 -11.56 -5.22 -10.79
N GLY A 63 -11.38 -3.94 -11.11
CA GLY A 63 -11.46 -2.91 -10.11
C GLY A 63 -12.80 -2.92 -9.42
N ASP A 64 -13.87 -2.95 -10.19
CA ASP A 64 -15.23 -2.96 -9.65
C ASP A 64 -15.51 -4.17 -8.80
N ARG A 65 -14.97 -5.32 -9.19
CA ARG A 65 -15.16 -6.57 -8.45
C ARG A 65 -14.63 -6.45 -7.03
N VAL A 66 -13.47 -5.82 -6.88
CA VAL A 66 -12.84 -5.61 -5.58
C VAL A 66 -13.67 -4.61 -4.79
N ALA A 67 -14.09 -3.55 -5.47
CA ALA A 67 -14.91 -2.51 -4.83
C ALA A 67 -16.27 -3.05 -4.38
N SER A 68 -16.83 -3.96 -5.16
CA SER A 68 -18.10 -4.56 -4.83
C SER A 68 -17.90 -5.47 -3.63
N TYR A 69 -16.79 -6.20 -3.60
CA TYR A 69 -16.51 -7.08 -2.47
C TYR A 69 -16.41 -6.32 -1.15
N ALA A 70 -15.80 -5.14 -1.21
CA ALA A 70 -15.66 -4.28 -0.04
C ALA A 70 -17.00 -3.80 0.48
N ALA A 71 -17.83 -3.25 -0.42
CA ALA A 71 -19.15 -2.76 -0.02
C ALA A 71 -20.09 -3.85 0.47
N ASP A 72 -19.99 -5.03 -0.13
CA ASP A 72 -20.84 -6.18 0.23
C ASP A 72 -20.51 -6.79 1.58
N THR A 73 -19.26 -6.68 2.00
CA THR A 73 -18.85 -7.23 3.27
C THR A 73 -18.65 -6.18 4.36
N GLY A 74 -18.74 -4.92 3.99
CA GLY A 74 -18.60 -3.85 4.96
C GLY A 74 -17.17 -3.49 5.34
N LYS A 75 -16.26 -3.60 4.38
CA LYS A 75 -14.86 -3.30 4.64
C LYS A 75 -14.50 -1.97 4.00
N GLU A 76 -13.47 -1.32 4.53
CA GLU A 76 -13.03 -0.06 3.96
C GLU A 76 -12.30 -0.40 2.67
N LEU A 77 -12.31 0.53 1.72
CA LEU A 77 -11.65 0.34 0.42
C LEU A 77 -10.47 1.28 0.28
N TYR A 78 -9.30 0.71 0.02
CA TYR A 78 -8.09 1.48 -0.17
C TYR A 78 -7.70 1.38 -1.64
N GLY A 79 -7.43 2.52 -2.26
CA GLY A 79 -7.05 2.57 -3.65
C GLY A 79 -5.56 2.55 -3.86
N HIS A 80 -5.12 1.73 -4.82
CA HIS A 80 -3.70 1.56 -5.13
C HIS A 80 -3.60 1.11 -6.59
N THR A 81 -3.00 1.89 -7.49
CA THR A 81 -2.39 3.18 -7.24
C THR A 81 -2.56 3.96 -8.53
N LEU A 82 -2.58 5.28 -8.43
CA LEU A 82 -2.76 6.10 -9.60
C LEU A 82 -1.51 6.34 -10.42
N VAL A 83 -0.44 6.80 -9.78
CA VAL A 83 0.81 7.09 -10.48
C VAL A 83 1.96 6.26 -9.91
N TRP A 84 2.55 5.43 -10.74
CA TRP A 84 3.66 4.57 -10.32
C TRP A 84 4.45 4.27 -11.58
N HIS A 85 5.76 4.50 -11.54
CA HIS A 85 6.60 4.28 -12.71
C HIS A 85 6.63 2.83 -13.20
N SER A 86 6.53 1.86 -12.28
CA SER A 86 6.56 0.47 -12.70
C SER A 86 5.22 0.00 -13.23
N GLN A 87 5.26 -0.89 -14.22
CA GLN A 87 4.03 -1.40 -14.84
C GLN A 87 3.19 -0.27 -15.45
N LEU A 88 3.88 0.62 -16.17
CA LEU A 88 3.23 1.72 -16.87
C LEU A 88 3.08 1.12 -18.26
N PRO A 89 1.85 1.11 -18.81
CA PRO A 89 1.65 0.53 -20.13
C PRO A 89 2.57 1.16 -21.17
N ASP A 90 3.02 0.36 -22.13
CA ASP A 90 3.93 0.85 -23.15
C ASP A 90 3.50 2.09 -23.92
N TRP A 91 2.20 2.28 -24.12
CA TRP A 91 1.76 3.46 -24.84
C TRP A 91 2.09 4.76 -24.11
N ALA A 92 2.02 4.73 -22.79
CA ALA A 92 2.28 5.88 -21.95
C ALA A 92 3.75 6.24 -21.94
N LYS A 93 4.59 5.22 -21.86
CA LYS A 93 6.02 5.41 -21.85
C LYS A 93 6.49 6.12 -23.12
N ASN A 94 5.89 5.77 -24.26
CA ASN A 94 6.26 6.37 -25.54
C ASN A 94 5.70 7.76 -25.79
N LEU A 95 5.07 8.34 -24.78
CA LEU A 95 4.51 9.69 -24.90
C LEU A 95 5.51 10.67 -24.25
N ASN A 96 5.44 11.95 -24.63
CA ASN A 96 6.35 12.94 -24.07
C ASN A 96 5.76 14.33 -23.94
N GLY A 97 6.43 15.18 -23.17
CA GLY A 97 5.99 16.56 -23.00
C GLY A 97 4.57 16.69 -22.53
N SER A 98 3.83 17.60 -23.15
CA SER A 98 2.45 17.86 -22.78
C SER A 98 1.52 16.69 -23.03
N ALA A 99 1.81 15.88 -24.04
CA ALA A 99 0.98 14.73 -24.36
C ALA A 99 1.06 13.67 -23.28
N PHE A 100 2.21 13.59 -22.61
CA PHE A 100 2.41 12.62 -21.54
C PHE A 100 1.72 13.17 -20.29
N GLU A 101 1.91 14.46 -20.03
CA GLU A 101 1.27 15.09 -18.90
C GLU A 101 -0.24 14.96 -19.03
N SER A 102 -0.78 15.17 -20.22
CA SER A 102 -2.22 15.06 -20.46
C SER A 102 -2.77 13.69 -20.16
N ALA A 103 -1.98 12.66 -20.46
CA ALA A 103 -2.37 11.27 -20.25
C ALA A 103 -2.37 10.94 -18.77
N MET A 104 -1.43 11.53 -18.04
CA MET A 104 -1.32 11.31 -16.61
C MET A 104 -2.51 11.93 -15.93
N VAL A 105 -2.81 13.18 -16.27
CA VAL A 105 -3.94 13.90 -15.68
C VAL A 105 -5.24 13.19 -16.00
N ASN A 106 -5.39 12.75 -17.23
CA ASN A 106 -6.60 12.05 -17.66
C ASN A 106 -6.73 10.68 -16.99
N HIS A 107 -5.62 10.02 -16.72
CA HIS A 107 -5.70 8.73 -16.08
C HIS A 107 -6.12 8.92 -14.64
N VAL A 108 -5.58 9.95 -14.00
CA VAL A 108 -5.88 10.26 -12.61
C VAL A 108 -7.32 10.68 -12.42
N THR A 109 -7.77 11.55 -13.31
CA THR A 109 -9.13 12.07 -13.27
C THR A 109 -10.17 10.98 -13.46
N LYS A 110 -10.01 10.21 -14.52
CA LYS A 110 -10.95 9.15 -14.83
C LYS A 110 -11.00 8.02 -13.81
N VAL A 111 -9.85 7.55 -13.35
CA VAL A 111 -9.83 6.46 -12.38
C VAL A 111 -10.36 6.87 -11.02
N ALA A 112 -10.05 8.10 -10.59
CA ALA A 112 -10.53 8.58 -9.31
C ALA A 112 -12.01 8.90 -9.38
N ASP A 113 -12.46 9.38 -10.53
CA ASP A 113 -13.87 9.71 -10.74
C ASP A 113 -14.75 8.47 -10.75
N HIS A 114 -14.24 7.38 -11.31
CA HIS A 114 -14.99 6.12 -11.35
C HIS A 114 -15.25 5.55 -9.97
N PHE A 115 -14.23 5.60 -9.11
CA PHE A 115 -14.34 5.06 -7.77
C PHE A 115 -14.71 6.05 -6.70
N GLU A 116 -15.06 7.27 -7.09
CA GLU A 116 -15.44 8.31 -6.14
C GLU A 116 -16.57 7.85 -5.25
N GLY A 117 -16.39 8.02 -3.95
CA GLY A 117 -17.41 7.62 -3.02
C GLY A 117 -17.22 6.20 -2.53
N LYS A 118 -16.41 5.42 -3.24
CA LYS A 118 -16.14 4.04 -2.85
C LYS A 118 -14.78 3.93 -2.17
N VAL A 119 -13.75 4.45 -2.84
CA VAL A 119 -12.38 4.44 -2.34
C VAL A 119 -12.29 5.49 -1.25
N ALA A 120 -11.80 5.11 -0.08
CA ALA A 120 -11.68 6.06 1.03
C ALA A 120 -10.39 6.84 0.97
N SER A 121 -9.31 6.17 0.54
CA SER A 121 -7.98 6.78 0.44
C SER A 121 -7.34 6.26 -0.80
N TRP A 122 -6.53 7.08 -1.43
CA TRP A 122 -5.84 6.65 -2.63
C TRP A 122 -4.34 6.77 -2.46
N ASP A 123 -3.61 5.85 -3.08
CA ASP A 123 -2.17 5.97 -3.13
C ASP A 123 -2.09 6.74 -4.43
N VAL A 124 -1.87 8.05 -4.35
CA VAL A 124 -1.79 8.85 -5.56
C VAL A 124 -0.44 8.60 -6.25
N VAL A 125 0.65 8.90 -5.55
CA VAL A 125 1.96 8.64 -6.12
C VAL A 125 2.70 7.60 -5.28
N ASN A 126 3.29 6.63 -5.97
CA ASN A 126 4.01 5.53 -5.34
C ASN A 126 5.45 5.49 -5.82
N ALA A 127 6.39 5.29 -4.89
CA ALA A 127 7.83 5.18 -5.20
C ALA A 127 8.43 6.31 -6.01
N ALA A 128 8.27 7.54 -5.56
CA ALA A 128 8.82 8.68 -6.30
C ALA A 128 10.27 8.95 -5.94
N PHE A 129 10.71 8.51 -4.77
CA PHE A 129 12.07 8.74 -4.34
C PHE A 129 13.06 7.64 -4.63
N ALA A 130 14.32 8.01 -4.68
CA ALA A 130 15.38 7.06 -4.96
C ALA A 130 15.99 6.58 -3.67
N ASP A 131 16.40 5.32 -3.65
CA ASP A 131 17.06 4.78 -2.47
C ASP A 131 18.37 5.54 -2.47
N GLY A 132 18.62 6.24 -1.38
CA GLY A 132 19.83 7.02 -1.31
C GLY A 132 19.49 8.50 -1.40
N GLY A 133 18.21 8.83 -1.32
CA GLY A 133 17.81 10.23 -1.37
C GLY A 133 17.66 10.82 -2.74
N GLY A 134 16.88 11.89 -2.83
CA GLY A 134 16.66 12.52 -4.11
C GLY A 134 15.51 11.85 -4.82
N ARG A 135 15.25 12.28 -6.05
CA ARG A 135 14.16 11.75 -6.87
C ARG A 135 14.60 10.53 -7.65
N ARG A 136 13.64 9.63 -7.86
CA ARG A 136 13.90 8.42 -8.60
C ARG A 136 14.32 8.77 -10.00
N GLN A 137 15.46 8.24 -10.42
CA GLN A 137 15.99 8.51 -11.76
C GLN A 137 15.35 7.71 -12.89
N ASP A 138 14.92 6.48 -12.60
CA ASP A 138 14.32 5.62 -13.61
C ASP A 138 12.82 5.70 -13.83
N SER A 139 12.19 6.72 -13.26
CA SER A 139 10.76 6.90 -13.42
C SER A 139 10.41 7.73 -14.64
N ALA A 140 9.61 7.18 -15.53
CA ALA A 140 9.18 7.88 -16.75
C ALA A 140 8.52 9.20 -16.40
N PHE A 141 7.90 9.26 -15.23
CA PHE A 141 7.25 10.47 -14.78
C PHE A 141 8.27 11.52 -14.44
N GLN A 142 9.34 11.10 -13.77
CA GLN A 142 10.41 12.01 -13.36
C GLN A 142 11.21 12.52 -14.56
N GLN A 143 11.54 11.62 -15.47
CA GLN A 143 12.30 11.96 -16.66
C GLN A 143 11.55 12.93 -17.53
N LYS A 144 10.33 12.56 -17.89
CA LYS A 144 9.54 13.39 -18.76
C LYS A 144 8.95 14.66 -18.16
N LEU A 145 8.52 14.64 -16.92
CA LEU A 145 7.88 15.83 -16.38
C LEU A 145 8.62 16.68 -15.37
N GLY A 146 9.70 16.17 -14.79
CA GLY A 146 10.42 16.95 -13.79
C GLY A 146 9.83 16.83 -12.42
N ASN A 147 10.36 17.59 -11.46
CA ASN A 147 9.92 17.54 -10.06
C ASN A 147 8.46 17.77 -9.76
N GLY A 148 7.82 18.59 -10.57
CA GLY A 148 6.42 18.92 -10.35
C GLY A 148 5.34 17.93 -10.71
N TYR A 149 5.68 16.75 -11.21
CA TYR A 149 4.62 15.82 -11.55
C TYR A 149 3.81 15.40 -10.34
N ILE A 150 4.46 15.28 -9.19
CA ILE A 150 3.79 14.86 -7.96
C ILE A 150 2.69 15.80 -7.51
N GLU A 151 2.98 17.09 -7.50
CA GLU A 151 2.00 18.09 -7.10
C GLU A 151 0.83 18.15 -8.07
N THR A 152 1.12 17.92 -9.35
CA THR A 152 0.12 17.93 -10.40
C THR A 152 -0.88 16.80 -10.19
N ALA A 153 -0.36 15.61 -9.92
CA ALA A 153 -1.17 14.43 -9.69
C ALA A 153 -2.09 14.60 -8.49
N PHE A 154 -1.55 15.14 -7.40
CA PHE A 154 -2.33 15.34 -6.21
C PHE A 154 -3.42 16.38 -6.38
N ARG A 155 -3.16 17.37 -7.21
CA ARG A 155 -4.15 18.41 -7.45
C ARG A 155 -5.25 17.92 -8.37
N ALA A 156 -4.91 16.96 -9.23
CA ALA A 156 -5.88 16.40 -10.16
C ALA A 156 -6.75 15.40 -9.43
N ALA A 157 -6.15 14.63 -8.53
CA ALA A 157 -6.87 13.63 -7.75
C ALA A 157 -7.91 14.31 -6.88
N ARG A 158 -7.52 15.39 -6.22
CA ARG A 158 -8.41 16.14 -5.36
C ARG A 158 -9.51 16.82 -6.15
N ALA A 159 -9.23 17.13 -7.40
CA ALA A 159 -10.22 17.79 -8.26
C ALA A 159 -11.31 16.82 -8.71
N ALA A 160 -10.91 15.56 -8.91
CA ALA A 160 -11.78 14.49 -9.33
C ALA A 160 -12.57 13.89 -8.20
N ASP A 161 -11.98 13.85 -7.01
CA ASP A 161 -12.62 13.28 -5.83
C ASP A 161 -12.32 14.14 -4.62
N PRO A 162 -13.23 15.06 -4.27
CA PRO A 162 -13.09 15.98 -3.14
C PRO A 162 -12.98 15.44 -1.72
N THR A 163 -13.32 14.18 -1.49
CA THR A 163 -13.25 13.65 -0.12
C THR A 163 -12.29 12.52 0.19
N ALA A 164 -11.80 11.83 -0.82
CA ALA A 164 -10.87 10.74 -0.58
C ALA A 164 -9.58 11.29 -0.02
N LYS A 165 -8.94 10.53 0.86
CA LYS A 165 -7.65 10.94 1.45
C LYS A 165 -6.58 10.63 0.42
N LEU A 166 -5.72 11.61 0.13
CA LEU A 166 -4.68 11.42 -0.85
C LEU A 166 -3.35 11.13 -0.17
N CYS A 167 -2.80 9.95 -0.44
CA CYS A 167 -1.54 9.52 0.16
C CYS A 167 -0.39 9.42 -0.81
N ILE A 168 0.82 9.63 -0.29
CA ILE A 168 2.07 9.48 -1.03
C ILE A 168 2.63 8.20 -0.37
N ASN A 169 3.02 7.23 -1.19
CA ASN A 169 3.50 5.93 -0.71
C ASN A 169 4.95 5.64 -1.12
N ASP A 170 5.69 4.91 -0.30
CA ASP A 170 7.05 4.54 -0.63
C ASP A 170 7.56 3.39 0.21
N TYR A 171 8.65 2.78 -0.25
CA TYR A 171 9.26 1.66 0.45
C TYR A 171 10.67 2.04 0.89
N ASN A 172 11.17 1.37 1.93
CA ASN A 172 12.51 1.62 2.48
C ASN A 172 12.57 2.98 3.14
N VAL A 173 11.43 3.41 3.68
CA VAL A 173 11.32 4.69 4.36
C VAL A 173 10.80 4.45 5.76
N GLU A 174 10.93 3.20 6.24
CA GLU A 174 10.46 2.82 7.58
C GLU A 174 11.26 3.49 8.67
N GLY A 175 12.56 3.65 8.42
CA GLY A 175 13.40 4.28 9.42
C GLY A 175 13.99 5.57 8.89
N ILE A 176 14.60 6.33 9.80
CA ILE A 176 15.22 7.59 9.42
C ILE A 176 16.46 7.29 8.60
N ASN A 177 16.43 7.75 7.36
CA ASN A 177 17.52 7.57 6.43
C ASN A 177 17.37 8.64 5.37
N ALA A 178 18.20 8.57 4.33
CA ALA A 178 18.22 9.56 3.25
C ALA A 178 16.99 9.61 2.35
N LYS A 179 16.31 8.49 2.24
CA LYS A 179 15.12 8.40 1.41
C LYS A 179 13.90 8.91 2.17
N SER A 180 13.79 8.60 3.46
CA SER A 180 12.66 9.06 4.24
C SER A 180 12.81 10.51 4.61
N ASN A 181 14.06 10.97 4.60
CA ASN A 181 14.36 12.35 4.93
C ASN A 181 13.92 13.23 3.76
N SER A 182 14.04 12.69 2.54
CA SER A 182 13.63 13.39 1.34
C SER A 182 12.10 13.44 1.26
N LEU A 183 11.45 12.33 1.58
CA LEU A 183 10.01 12.21 1.59
C LEU A 183 9.44 13.20 2.59
N TYR A 184 10.06 13.23 3.76
CA TYR A 184 9.67 14.12 4.84
C TYR A 184 9.70 15.56 4.41
N ASP A 185 10.66 15.93 3.56
CA ASP A 185 10.81 17.30 3.08
C ASP A 185 9.71 17.66 2.08
N LEU A 186 9.29 16.67 1.30
CA LEU A 186 8.24 16.86 0.30
C LEU A 186 6.93 17.06 1.06
N VAL A 187 6.67 16.22 2.06
CA VAL A 187 5.46 16.31 2.86
C VAL A 187 5.36 17.64 3.60
N LYS A 188 6.47 18.12 4.16
CA LYS A 188 6.50 19.38 4.89
C LYS A 188 6.16 20.53 3.97
N ASP A 189 6.76 20.50 2.78
CA ASP A 189 6.59 21.51 1.75
C ASP A 189 5.18 21.55 1.19
N PHE A 190 4.57 20.38 1.04
CA PHE A 190 3.22 20.28 0.51
C PHE A 190 2.22 20.88 1.50
N LYS A 191 2.35 20.52 2.76
CA LYS A 191 1.47 21.03 3.80
C LYS A 191 1.62 22.54 3.99
N ALA A 192 2.85 23.03 3.80
CA ALA A 192 3.16 24.46 3.92
C ALA A 192 2.54 25.25 2.77
N ARG A 193 2.63 24.68 1.57
CA ARG A 193 2.07 25.32 0.38
C ARG A 193 0.59 25.04 0.16
N GLY A 194 0.00 24.15 0.96
CA GLY A 194 -1.40 23.85 0.80
C GLY A 194 -1.69 22.84 -0.29
N VAL A 195 -0.68 22.09 -0.71
CA VAL A 195 -0.85 21.05 -1.73
C VAL A 195 -1.65 19.92 -1.06
N PRO A 196 -2.77 19.48 -1.67
CA PRO A 196 -3.55 18.40 -1.06
C PRO A 196 -2.79 17.09 -0.89
N LEU A 197 -2.62 16.70 0.36
CA LEU A 197 -1.90 15.48 0.75
C LEU A 197 -2.38 15.21 2.16
N ASP A 198 -2.99 14.07 2.38
CA ASP A 198 -3.54 13.76 3.68
C ASP A 198 -2.83 12.69 4.45
N CYS A 199 -2.10 11.85 3.74
CA CYS A 199 -1.43 10.76 4.39
C CYS A 199 -0.12 10.37 3.78
N VAL A 200 0.62 9.54 4.50
CA VAL A 200 1.89 9.00 4.05
C VAL A 200 1.81 7.52 4.29
N GLY A 201 2.03 6.74 3.24
CA GLY A 201 1.99 5.30 3.38
C GLY A 201 3.39 4.73 3.40
N PHE A 202 3.58 3.69 4.22
CA PHE A 202 4.88 3.03 4.33
C PHE A 202 4.72 1.57 3.90
N GLN A 203 5.27 1.24 2.73
CA GLN A 203 5.20 -0.13 2.20
C GLN A 203 5.54 -1.23 3.20
N SER A 204 6.82 -1.41 3.49
CA SER A 204 7.26 -2.41 4.46
C SER A 204 7.40 -3.85 3.99
N ASN A 205 8.09 -4.04 2.85
CA ASN A 205 8.38 -5.36 2.32
C ASN A 205 9.69 -5.69 3.02
N LEU A 206 9.62 -6.07 4.29
CA LEU A 206 10.80 -6.38 5.08
C LEU A 206 11.33 -7.80 4.96
N ILE A 207 12.48 -8.02 5.59
CA ILE A 207 13.14 -9.33 5.64
C ILE A 207 13.14 -9.68 7.12
N VAL A 208 12.96 -10.94 7.42
CA VAL A 208 12.93 -11.40 8.79
C VAL A 208 14.16 -11.01 9.60
N GLY A 209 13.93 -10.21 10.65
CA GLY A 209 14.98 -9.75 11.54
C GLY A 209 15.58 -8.36 11.26
N GLN A 210 15.30 -7.83 10.09
CA GLN A 210 15.82 -6.52 9.66
C GLN A 210 14.74 -5.45 9.79
N VAL A 211 14.06 -5.40 10.92
CA VAL A 211 13.03 -4.40 11.15
C VAL A 211 13.67 -3.21 11.85
N PRO A 212 13.73 -2.05 11.18
CA PRO A 212 14.33 -0.85 11.76
C PRO A 212 13.82 -0.63 13.17
N GLY A 213 14.75 -0.35 14.06
CA GLY A 213 14.39 -0.12 15.45
C GLY A 213 13.85 1.27 15.69
N ASP A 214 13.83 2.10 14.66
CA ASP A 214 13.32 3.44 14.84
C ASP A 214 12.06 3.71 14.01
N PHE A 215 11.30 2.66 13.74
CA PHE A 215 10.05 2.73 12.97
C PHE A 215 9.11 3.75 13.61
N ARG A 216 8.83 3.59 14.89
CA ARG A 216 7.94 4.47 15.62
C ARG A 216 8.32 5.94 15.54
N GLN A 217 9.56 6.24 15.89
CA GLN A 217 10.08 7.60 15.87
C GLN A 217 9.87 8.20 14.51
N ASN A 218 10.08 7.39 13.47
CA ASN A 218 9.92 7.88 12.12
C ASN A 218 8.45 8.13 11.82
N LEU A 219 7.61 7.18 12.20
CA LEU A 219 6.17 7.30 11.94
C LEU A 219 5.65 8.52 12.64
N GLN A 220 6.18 8.76 13.84
CA GLN A 220 5.75 9.88 14.65
C GLN A 220 6.19 11.24 14.14
N ARG A 221 7.33 11.33 13.46
CA ARG A 221 7.75 12.64 12.97
C ARG A 221 6.90 13.07 11.79
N PHE A 222 6.37 12.11 11.03
CA PHE A 222 5.51 12.40 9.88
C PHE A 222 4.17 12.86 10.39
N ALA A 223 3.67 12.16 11.40
CA ALA A 223 2.40 12.49 12.02
C ALA A 223 2.38 13.94 12.44
N ASP A 224 3.48 14.40 13.02
CA ASP A 224 3.62 15.78 13.48
C ASP A 224 3.53 16.77 12.33
N LEU A 225 3.70 16.32 11.09
CA LEU A 225 3.62 17.23 9.94
C LEU A 225 2.18 17.63 9.65
N GLY A 226 1.24 16.90 10.23
CA GLY A 226 -0.18 17.18 10.03
C GLY A 226 -0.86 16.21 9.09
N VAL A 227 -0.29 15.02 8.94
CA VAL A 227 -0.85 14.00 8.06
C VAL A 227 -1.02 12.66 8.79
N ASP A 228 -1.85 11.80 8.24
CA ASP A 228 -2.05 10.48 8.81
C ASP A 228 -0.94 9.58 8.26
N VAL A 229 -0.63 8.50 8.96
CA VAL A 229 0.38 7.57 8.49
C VAL A 229 -0.19 6.16 8.48
N ARG A 230 0.32 5.32 7.59
CA ARG A 230 -0.18 3.97 7.52
C ARG A 230 0.85 3.06 6.90
N ILE A 231 0.74 1.78 7.23
CA ILE A 231 1.63 0.78 6.67
C ILE A 231 0.78 0.11 5.62
N THR A 232 1.07 0.43 4.36
CA THR A 232 0.33 -0.03 3.20
C THR A 232 0.66 -1.34 2.52
N GLU A 233 1.68 -2.07 2.96
CA GLU A 233 2.03 -3.30 2.22
C GLU A 233 2.97 -4.27 2.94
N LEU A 234 2.61 -4.67 4.14
CA LEU A 234 3.44 -5.54 4.96
C LEU A 234 3.58 -7.02 4.66
N ASP A 235 4.82 -7.49 4.80
CA ASP A 235 5.21 -8.88 4.70
C ASP A 235 6.66 -9.02 5.14
N ILE A 236 6.97 -10.12 5.81
CA ILE A 236 8.31 -10.36 6.30
C ILE A 236 8.86 -11.64 5.71
N ARG A 237 9.50 -11.53 4.57
CA ARG A 237 10.04 -12.69 3.91
C ARG A 237 11.25 -13.32 4.59
N MET A 238 11.43 -14.61 4.32
CA MET A 238 12.54 -15.36 4.87
C MET A 238 13.02 -16.29 3.79
N ARG A 239 14.15 -16.92 4.06
CA ARG A 239 14.72 -17.85 3.10
C ARG A 239 14.02 -19.17 3.45
N THR A 240 13.52 -19.83 2.43
CA THR A 240 12.79 -21.06 2.64
C THR A 240 13.68 -22.28 2.46
N PRO A 241 13.33 -23.43 3.08
CA PRO A 241 12.16 -23.62 3.95
C PRO A 241 12.26 -22.82 5.20
N SER A 242 11.23 -22.94 6.02
CA SER A 242 11.19 -22.25 7.27
C SER A 242 11.22 -23.32 8.33
N ASP A 243 11.53 -22.89 9.56
CA ASP A 243 11.60 -23.76 10.73
C ASP A 243 11.01 -22.98 11.91
N ALA A 244 10.89 -23.63 13.07
CA ALA A 244 10.32 -23.02 14.27
C ALA A 244 11.05 -21.81 14.81
N THR A 245 12.21 -21.48 14.22
CA THR A 245 12.98 -20.35 14.68
C THR A 245 12.76 -19.15 13.79
N LYS A 246 12.67 -19.36 12.48
CA LYS A 246 12.41 -18.28 11.54
C LYS A 246 11.01 -17.72 11.75
N LEU A 247 10.07 -18.62 11.97
CA LEU A 247 8.68 -18.25 12.19
C LEU A 247 8.53 -17.54 13.52
N ALA A 248 9.31 -17.94 14.51
CA ALA A 248 9.23 -17.32 15.82
C ALA A 248 9.82 -15.91 15.84
N THR A 249 10.72 -15.64 14.90
CA THR A 249 11.34 -14.32 14.78
C THR A 249 10.32 -13.46 14.06
N GLN A 250 9.91 -13.95 12.88
CA GLN A 250 8.93 -13.28 12.02
C GLN A 250 7.74 -12.89 12.84
N ALA A 251 7.37 -13.75 13.79
CA ALA A 251 6.24 -13.48 14.66
C ALA A 251 6.57 -12.27 15.51
N ALA A 252 7.82 -12.15 15.91
CA ALA A 252 8.23 -11.03 16.73
C ALA A 252 8.28 -9.78 15.88
N ASP A 253 8.66 -9.96 14.62
CA ASP A 253 8.76 -8.86 13.68
C ASP A 253 7.41 -8.24 13.35
N TYR A 254 6.39 -9.07 13.20
CA TYR A 254 5.05 -8.58 12.90
C TYR A 254 4.57 -7.75 14.06
N LYS A 255 4.85 -8.24 15.25
CA LYS A 255 4.47 -7.56 16.48
C LYS A 255 5.13 -6.20 16.61
N LYS A 256 6.39 -6.09 16.22
CA LYS A 256 7.07 -4.80 16.32
C LYS A 256 6.40 -3.80 15.42
N VAL A 257 6.21 -4.17 14.17
CA VAL A 257 5.60 -3.28 13.19
C VAL A 257 4.21 -2.86 13.61
N VAL A 258 3.38 -3.81 14.01
CA VAL A 258 2.03 -3.46 14.42
C VAL A 258 2.14 -2.57 15.65
N GLN A 259 3.04 -2.94 16.56
CA GLN A 259 3.21 -2.17 17.78
C GLN A 259 3.66 -0.72 17.57
N ALA A 260 4.42 -0.46 16.53
CA ALA A 260 4.88 0.90 16.24
C ALA A 260 3.71 1.76 15.79
N CYS A 261 2.80 1.14 15.05
CA CYS A 261 1.61 1.80 14.54
C CYS A 261 0.69 2.16 15.69
N MET A 262 0.54 1.25 16.66
CA MET A 262 -0.30 1.49 17.84
C MET A 262 0.15 2.68 18.71
N GLN A 263 1.46 2.93 18.77
CA GLN A 263 2.04 4.00 19.58
C GLN A 263 1.99 5.39 18.94
N VAL A 264 1.61 5.46 17.67
CA VAL A 264 1.48 6.72 16.96
C VAL A 264 -0.03 6.87 16.77
N THR A 265 -0.62 7.79 17.52
CA THR A 265 -2.08 7.99 17.46
C THR A 265 -2.67 8.22 16.09
N ARG A 266 -1.87 8.70 15.15
CA ARG A 266 -2.36 8.95 13.80
C ARG A 266 -2.05 7.84 12.80
N CYS A 267 -1.64 6.68 13.28
CA CYS A 267 -1.39 5.55 12.40
C CYS A 267 -2.75 4.88 12.20
N GLN A 268 -3.31 5.01 11.01
CA GLN A 268 -4.63 4.46 10.69
C GLN A 268 -4.78 2.93 10.71
N GLY A 269 -3.70 2.22 10.38
CA GLY A 269 -3.75 0.77 10.40
C GLY A 269 -2.61 0.09 9.68
N VAL A 270 -2.72 -1.22 9.59
CA VAL A 270 -1.75 -2.07 8.95
C VAL A 270 -2.45 -2.90 7.86
N THR A 271 -1.82 -3.02 6.69
CA THR A 271 -2.35 -3.79 5.57
C THR A 271 -1.32 -4.87 5.15
N VAL A 272 -1.66 -6.16 5.28
CA VAL A 272 -0.74 -7.23 4.88
C VAL A 272 -0.92 -7.57 3.42
N TRP A 273 0.18 -7.77 2.70
CA TRP A 273 0.09 -8.00 1.27
C TRP A 273 -0.27 -9.40 0.82
N GLY A 274 -1.48 -9.85 1.20
CA GLY A 274 -1.94 -11.17 0.82
C GLY A 274 -2.49 -11.93 2.02
N ILE A 275 -3.05 -13.11 1.79
CA ILE A 275 -3.58 -13.89 2.90
C ILE A 275 -2.68 -15.06 3.21
N THR A 276 -2.40 -15.87 2.19
CA THR A 276 -1.59 -17.05 2.36
C THR A 276 -0.32 -17.06 1.51
N ASP A 277 0.74 -17.64 2.08
CA ASP A 277 2.06 -17.74 1.42
C ASP A 277 1.93 -18.46 0.08
N LYS A 278 0.83 -19.18 -0.08
CA LYS A 278 0.48 -19.93 -1.28
C LYS A 278 0.43 -19.01 -2.50
N TYR A 279 -0.11 -17.81 -2.31
CA TYR A 279 -0.24 -16.86 -3.43
C TYR A 279 0.64 -15.60 -3.32
N SER A 280 1.71 -15.68 -2.52
CA SER A 280 2.63 -14.57 -2.32
C SER A 280 3.46 -14.22 -3.51
N TRP A 281 3.67 -12.93 -3.68
CA TRP A 281 4.45 -12.43 -4.80
C TRP A 281 5.92 -12.71 -4.63
N VAL A 282 6.35 -13.00 -3.42
CA VAL A 282 7.77 -13.21 -3.12
C VAL A 282 8.59 -14.22 -3.90
N PRO A 283 8.16 -15.49 -4.00
CA PRO A 283 8.92 -16.51 -4.73
C PRO A 283 9.25 -16.17 -6.17
N ASP A 284 8.40 -15.33 -6.77
CA ASP A 284 8.54 -14.92 -8.16
C ASP A 284 9.59 -13.83 -8.44
N VAL A 285 9.88 -12.99 -7.44
CA VAL A 285 10.86 -11.93 -7.64
C VAL A 285 12.08 -12.14 -6.76
N PHE A 286 11.92 -12.94 -5.70
CA PHE A 286 13.00 -13.26 -4.78
C PHE A 286 13.13 -14.78 -4.72
N PRO A 287 13.68 -15.42 -5.77
CA PRO A 287 13.83 -16.87 -5.81
C PRO A 287 14.60 -17.35 -4.59
N GLY A 288 14.06 -18.38 -3.94
CA GLY A 288 14.69 -18.91 -2.73
C GLY A 288 14.09 -18.38 -1.43
N GLU A 289 13.38 -17.23 -1.49
CA GLU A 289 12.73 -16.62 -0.32
C GLU A 289 11.20 -16.74 -0.40
N GLY A 290 10.54 -16.53 0.73
CA GLY A 290 9.09 -16.63 0.79
C GLY A 290 8.59 -16.72 2.21
N ALA A 291 7.46 -17.41 2.40
CA ALA A 291 6.83 -17.61 3.71
C ALA A 291 6.66 -16.29 4.45
N ALA A 292 6.32 -15.24 3.70
CA ALA A 292 6.16 -13.89 4.21
C ALA A 292 4.83 -13.50 4.86
N LEU A 293 3.78 -14.28 4.64
CA LEU A 293 2.47 -13.94 5.18
C LEU A 293 2.07 -14.60 6.49
N VAL A 294 0.88 -14.25 6.98
CA VAL A 294 0.39 -14.78 8.24
C VAL A 294 -0.17 -16.19 8.17
N TRP A 295 -0.55 -16.61 6.98
CA TRP A 295 -1.11 -17.94 6.77
C TRP A 295 -0.23 -18.70 5.81
N ASP A 296 0.05 -19.97 6.12
CA ASP A 296 0.89 -20.76 5.23
C ASP A 296 0.11 -21.27 4.03
N ALA A 297 0.75 -22.05 3.17
CA ALA A 297 0.12 -22.59 1.97
C ALA A 297 -1.01 -23.57 2.20
N SER A 298 -1.27 -23.92 3.46
CA SER A 298 -2.36 -24.84 3.82
C SER A 298 -3.37 -24.13 4.72
N TYR A 299 -3.36 -22.80 4.68
CA TYR A 299 -4.26 -21.95 5.48
C TYR A 299 -4.19 -22.16 6.97
N ALA A 300 -3.00 -22.48 7.44
CA ALA A 300 -2.79 -22.70 8.87
C ALA A 300 -2.27 -21.40 9.49
N LYS A 301 -2.77 -21.06 10.67
CA LYS A 301 -2.31 -19.85 11.32
C LYS A 301 -0.86 -19.98 11.80
N LYS A 302 0.05 -19.28 11.14
CA LYS A 302 1.45 -19.28 11.52
C LYS A 302 1.54 -18.53 12.84
N PRO A 303 2.70 -18.57 13.52
CA PRO A 303 2.88 -17.88 14.81
C PRO A 303 2.63 -16.38 14.80
N ALA A 304 2.80 -15.76 13.64
CA ALA A 304 2.63 -14.32 13.45
C ALA A 304 1.20 -13.84 13.73
N TYR A 305 0.25 -14.75 13.58
CA TYR A 305 -1.16 -14.45 13.80
C TYR A 305 -1.39 -14.04 15.22
N ALA A 306 -0.93 -14.88 16.13
CA ALA A 306 -1.07 -14.62 17.56
C ALA A 306 -0.30 -13.36 17.94
N ALA A 307 0.74 -13.05 17.18
CA ALA A 307 1.55 -11.87 17.45
C ALA A 307 0.82 -10.60 17.07
N VAL A 308 0.20 -10.60 15.89
CA VAL A 308 -0.55 -9.44 15.43
C VAL A 308 -1.74 -9.20 16.35
N MET A 309 -2.41 -10.26 16.80
CA MET A 309 -3.54 -10.09 17.69
C MET A 309 -3.14 -9.42 19.01
N GLU A 310 -1.97 -9.81 19.51
CA GLU A 310 -1.42 -9.26 20.74
C GLU A 310 -0.99 -7.83 20.54
N ALA A 311 -0.40 -7.56 19.39
CA ALA A 311 0.03 -6.22 19.05
C ALA A 311 -1.14 -5.24 19.04
N PHE A 312 -2.32 -5.68 18.59
CA PHE A 312 -3.50 -4.83 18.56
C PHE A 312 -4.08 -4.66 19.96
C1 GLC B . 4.76 -3.62 -3.26
C2 GLC B . 3.92 -2.88 -4.35
C3 GLC B . 2.87 -3.85 -4.88
C4 GLC B . 3.57 -5.10 -5.42
C5 GLC B . 4.54 -5.68 -4.36
C6 GLC B . 5.36 -6.87 -4.86
O2 GLC B . 3.30 -1.67 -3.94
O3 GLC B . 2.13 -3.23 -5.93
O4 GLC B . 2.57 -6.07 -5.74
O5 GLC B . 5.47 -4.66 -3.93
O6 GLC B . 6.60 -6.47 -5.44
C2 BGC B . 1.80 -7.91 -7.05
C3 BGC B . 2.19 -8.86 -8.18
C4 BGC B . 2.64 -8.09 -9.43
C5 BGC B . 3.57 -6.89 -9.12
C6 BGC B . 3.77 -5.93 -10.28
C1 BGC B . 2.89 -6.89 -6.87
O2 BGC B . 1.63 -8.62 -5.84
O3 BGC B . 1.07 -9.68 -8.50
O4 BGC B . 3.34 -9.01 -10.28
O5 BGC B . 3.03 -6.11 -8.04
O6 BGC B . 2.74 -4.93 -10.35
#